data_4YKJ
#
_entry.id   4YKJ
#
_cell.length_a   45.962
_cell.length_b   123.950
_cell.length_c   54.468
_cell.angle_alpha   90.00
_cell.angle_beta   111.62
_cell.angle_gamma   90.00
#
_symmetry.space_group_name_H-M   'P 1 21 1'
#
loop_
_entity.id
_entity.type
_entity.pdbx_description
1 polymer 'ML032222a iGluR'
2 non-polymer ALANINE
3 non-polymer GLYCINE
4 water water
#
_entity_poly.entity_id   1
_entity_poly.type   'polypeptide(L)'
_entity_poly.pdbx_seq_one_letter_code
;GSKNLIGRHLRLGSVEEQPFMFFATEGCEGNDCWSGMVNDMVVKLSEDLGFTYEYIQPDDRKFGALNKTTNEWNGMIRDL
LDDKTDMIAIDLSTNSARKSAIDYSFPFMDAGIKAVVKGEGTTLNQVLELLDQDKYKWGVIGSRHPETLLKTHRDSRYSR
LVDEGVELKDLNHAIETLRGGLFVFIDEGPVLAHNLISDCDVFSVGEEFQSFEYAFGLPKDSPYKSLIDSHLLKFREEGF
IDILWEKWSSGNSVCS
;
_entity_poly.pdbx_strand_id   A,B
#
# COMPACT_ATOMS: atom_id res chain seq x y z
N LEU A 5 11.04 -13.98 17.56
CA LEU A 5 11.94 -12.91 17.95
C LEU A 5 12.17 -12.83 19.47
N ILE A 6 11.57 -13.74 20.22
CA ILE A 6 11.65 -13.64 21.65
C ILE A 6 13.09 -13.90 22.11
N GLY A 7 13.67 -12.92 22.79
CA GLY A 7 15.05 -13.05 23.24
C GLY A 7 16.09 -12.57 22.23
N ARG A 8 15.69 -12.34 20.99
CA ARG A 8 16.61 -11.95 19.94
C ARG A 8 17.00 -10.50 20.04
N HIS A 9 18.10 -10.14 19.40
CA HIS A 9 18.56 -8.76 19.35
C HIS A 9 18.58 -8.32 17.90
N LEU A 10 17.92 -7.20 17.62
CA LEU A 10 17.89 -6.66 16.26
C LEU A 10 18.72 -5.40 16.15
N ARG A 11 19.57 -5.36 15.14
CA ARG A 11 20.33 -4.16 14.79
C ARG A 11 19.53 -3.42 13.73
N LEU A 12 19.06 -2.20 14.04
CA LEU A 12 18.14 -1.50 13.16
C LEU A 12 18.82 -0.30 12.50
N GLY A 13 18.84 -0.28 11.18
CA GLY A 13 19.35 0.87 10.47
C GLY A 13 18.38 2.02 10.54
N SER A 14 18.88 3.21 10.82
CA SER A 14 18.03 4.38 10.82
C SER A 14 18.85 5.63 10.76
N VAL A 15 18.19 6.76 10.46
CA VAL A 15 18.79 8.09 10.50
C VAL A 15 17.69 9.05 10.90
N GLU A 16 18.04 10.27 11.28
CA GLU A 16 17.03 11.28 11.52
C GLU A 16 16.32 11.63 10.24
N GLU A 17 15.01 11.72 10.34
CA GLU A 17 14.13 12.15 9.26
C GLU A 17 12.81 12.52 9.93
N GLN A 18 12.64 13.79 10.23
CA GLN A 18 11.47 14.19 11.00
C GLN A 18 10.23 14.10 10.11
N PRO A 19 9.10 13.63 10.66
CA PRO A 19 8.79 13.27 12.03
C PRO A 19 8.88 11.77 12.31
N PHE A 20 9.42 11.03 11.36
CA PHE A 20 9.60 9.59 11.51
C PHE A 20 10.65 9.25 12.56
N MET A 21 11.78 9.94 12.53
CA MET A 21 12.83 9.78 13.53
C MET A 21 13.50 11.09 13.84
N PHE A 22 13.76 11.29 15.12
CA PHE A 22 14.54 12.40 15.63
C PHE A 22 15.72 11.75 16.36
N PHE A 23 16.92 12.23 16.11
CA PHE A 23 18.12 11.73 16.79
C PHE A 23 18.77 12.85 17.59
N ALA A 24 18.83 12.66 18.91
CA ALA A 24 19.52 13.61 19.77
C ALA A 24 21.03 13.31 19.72
N THR A 25 21.83 14.34 19.49
CA THR A 25 23.27 14.16 19.31
C THR A 25 24.03 14.34 20.62
N GLU A 26 23.30 14.61 21.69
CA GLU A 26 23.89 14.85 23.01
C GLU A 26 22.79 14.68 24.04
N GLY A 27 23.15 14.51 25.30
CA GLY A 27 22.18 14.54 26.38
C GLY A 27 21.33 13.30 26.51
N CYS A 28 21.84 12.18 26.02
CA CYS A 28 21.08 10.95 25.97
C CYS A 28 22.05 9.79 25.80
N GLU A 29 21.55 8.58 25.99
CA GLU A 29 22.33 7.38 25.81
C GLU A 29 21.51 6.31 25.09
N GLY A 30 22.16 5.61 24.15
CA GLY A 30 21.58 4.44 23.55
C GLY A 30 20.28 4.72 22.82
N ASN A 31 19.31 3.83 23.03
CA ASN A 31 18.04 3.92 22.34
C ASN A 31 17.27 5.19 22.70
N ASP A 32 17.54 5.77 23.86
CA ASP A 32 16.80 6.94 24.30
C ASP A 32 17.20 8.21 23.54
N CYS A 33 18.23 8.12 22.70
CA CYS A 33 18.55 9.23 21.80
C CYS A 33 17.55 9.35 20.66
N TRP A 34 16.69 8.34 20.49
CA TRP A 34 15.80 8.28 19.33
C TRP A 34 14.36 8.50 19.78
N SER A 35 13.61 9.17 18.93
CA SER A 35 12.19 9.40 19.16
C SER A 35 11.52 9.61 17.82
N GLY A 36 10.21 9.54 17.80
CA GLY A 36 9.44 9.79 16.60
C GLY A 36 8.48 8.66 16.26
N MET A 37 7.78 8.82 15.15
CA MET A 37 6.77 7.84 14.75
C MET A 37 7.35 6.43 14.58
N VAL A 38 8.49 6.34 13.89
CA VAL A 38 9.08 5.03 13.66
C VAL A 38 9.60 4.46 14.98
N ASN A 39 10.20 5.30 15.81
CA ASN A 39 10.65 4.83 17.11
C ASN A 39 9.48 4.22 17.94
N ASP A 40 8.33 4.90 17.89
CA ASP A 40 7.17 4.41 18.64
C ASP A 40 6.72 3.04 18.06
N MET A 41 6.80 2.87 16.74
CA MET A 41 6.51 1.57 16.13
C MET A 41 7.48 0.48 16.61
N VAL A 42 8.77 0.82 16.63
CA VAL A 42 9.79 -0.14 17.04
C VAL A 42 9.62 -0.55 18.50
N VAL A 43 9.35 0.45 19.35
CA VAL A 43 9.17 0.20 20.78
C VAL A 43 7.99 -0.78 20.96
N LYS A 44 6.88 -0.55 20.25
CA LYS A 44 5.72 -1.42 20.39
C LYS A 44 6.03 -2.82 19.84
N LEU A 45 6.69 -2.90 18.69
CA LEU A 45 7.12 -4.20 18.16
C LEU A 45 8.00 -4.96 19.15
N SER A 46 8.95 -4.25 19.77
N SER A 46 8.94 -4.27 19.79
CA SER A 46 9.84 -4.86 20.75
CA SER A 46 9.84 -4.91 20.74
C SER A 46 9.07 -5.43 21.94
C SER A 46 9.10 -5.42 21.97
N GLU A 47 8.09 -4.69 22.43
CA GLU A 47 7.28 -5.12 23.56
C GLU A 47 6.45 -6.34 23.19
N ASP A 48 5.87 -6.33 21.99
CA ASP A 48 4.96 -7.40 21.62
C ASP A 48 5.68 -8.67 21.17
N LEU A 49 6.85 -8.51 20.54
CA LEU A 49 7.59 -9.64 19.99
C LEU A 49 8.77 -10.10 20.86
N GLY A 50 9.16 -9.29 21.82
CA GLY A 50 10.12 -9.70 22.83
C GLY A 50 11.58 -9.59 22.47
N PHE A 51 11.91 -8.80 21.45
CA PHE A 51 13.30 -8.58 21.10
C PHE A 51 13.86 -7.33 21.76
N THR A 52 15.18 -7.31 21.88
CA THR A 52 15.90 -6.08 22.19
C THR A 52 16.46 -5.53 20.89
N TYR A 53 16.89 -4.27 20.90
CA TYR A 53 17.35 -3.64 19.68
C TYR A 53 18.31 -2.50 19.98
N GLU A 54 18.99 -2.08 18.91
CA GLU A 54 19.79 -0.86 18.89
C GLU A 54 19.68 -0.28 17.51
N TYR A 55 19.95 1.01 17.38
CA TYR A 55 19.94 1.68 16.11
C TYR A 55 21.38 1.92 15.64
N ILE A 56 21.59 1.70 14.34
CA ILE A 56 22.90 1.87 13.71
C ILE A 56 22.75 2.77 12.50
N GLN A 57 23.42 3.91 12.52
CA GLN A 57 23.39 4.83 11.42
C GLN A 57 24.51 4.53 10.43
N PRO A 58 24.25 4.75 9.14
CA PRO A 58 25.31 4.58 8.15
C PRO A 58 26.34 5.68 8.29
N ASP A 59 27.61 5.31 8.18
CA ASP A 59 28.67 6.28 8.28
C ASP A 59 28.57 7.35 7.20
N ASP A 60 28.06 6.99 6.02
CA ASP A 60 27.92 7.95 4.93
C ASP A 60 26.69 8.84 5.03
N ARG A 61 25.86 8.53 6.03
N ARG A 61 25.84 8.60 6.02
CA ARG A 61 24.62 9.23 6.41
CA ARG A 61 24.69 9.48 6.28
C ARG A 61 23.49 9.26 5.36
C ARG A 61 23.63 9.45 5.17
N LYS A 62 23.61 8.41 4.34
CA LYS A 62 22.65 8.36 3.22
C LYS A 62 21.59 7.30 3.39
N PHE A 63 20.47 7.47 2.67
CA PHE A 63 19.44 6.45 2.64
C PHE A 63 19.89 5.26 1.83
N GLY A 64 20.27 5.49 0.58
CA GLY A 64 20.88 4.44 -0.23
C GLY A 64 20.38 4.43 -1.64
N ALA A 65 21.32 4.36 -2.56
CA ALA A 65 21.05 4.21 -3.98
C ALA A 65 22.13 3.34 -4.61
N LEU A 66 21.83 2.83 -5.80
CA LEU A 66 22.76 2.02 -6.54
C LEU A 66 23.48 2.90 -7.56
N ASN A 67 24.80 2.95 -7.43
CA ASN A 67 25.64 3.71 -8.34
C ASN A 67 25.84 2.85 -9.57
N LYS A 68 25.40 3.35 -10.73
N LYS A 68 25.40 3.35 -10.74
CA LYS A 68 25.39 2.55 -11.95
CA LYS A 68 25.40 2.53 -11.94
C LYS A 68 26.77 2.46 -12.59
C LYS A 68 26.79 2.44 -12.57
N THR A 69 27.71 3.29 -12.13
CA THR A 69 29.09 3.20 -12.61
C THR A 69 29.83 2.06 -11.91
N THR A 70 29.68 1.98 -10.60
CA THR A 70 30.40 0.97 -9.81
C THR A 70 29.54 -0.25 -9.49
N ASN A 71 28.24 -0.13 -9.72
CA ASN A 71 27.29 -1.17 -9.34
C ASN A 71 27.38 -1.47 -7.84
N GLU A 72 27.60 -0.43 -7.05
CA GLU A 72 27.58 -0.58 -5.58
C GLU A 72 26.53 0.30 -4.92
N TRP A 73 26.00 -0.23 -3.83
CA TRP A 73 25.08 0.51 -2.95
C TRP A 73 25.81 1.34 -1.91
N ASN A 74 25.12 2.36 -1.41
CA ASN A 74 25.58 3.10 -0.26
C ASN A 74 24.47 3.21 0.78
N GLY A 75 24.72 3.97 1.84
CA GLY A 75 23.69 4.26 2.81
C GLY A 75 23.22 3.10 3.66
N MET A 76 22.01 3.26 4.17
CA MET A 76 21.40 2.21 4.97
C MET A 76 21.22 0.92 4.19
N ILE A 77 20.94 1.03 2.88
CA ILE A 77 20.78 -0.16 2.05
C ILE A 77 22.09 -0.96 2.06
N ARG A 78 23.22 -0.28 1.86
CA ARG A 78 24.51 -0.98 1.85
C ARG A 78 24.80 -1.61 3.23
N ASP A 79 24.51 -0.90 4.32
CA ASP A 79 24.76 -1.47 5.65
C ASP A 79 23.94 -2.77 5.83
N LEU A 80 22.71 -2.79 5.34
CA LEU A 80 21.88 -3.99 5.40
C LEU A 80 22.49 -5.13 4.58
N LEU A 81 22.92 -4.82 3.37
CA LEU A 81 23.51 -5.83 2.49
C LEU A 81 24.81 -6.37 3.05
N ASP A 82 25.53 -5.52 3.80
CA ASP A 82 26.79 -5.89 4.44
C ASP A 82 26.58 -6.64 5.77
N ASP A 83 25.32 -6.89 6.13
CA ASP A 83 24.96 -7.56 7.38
C ASP A 83 25.45 -6.78 8.60
N LYS A 84 25.44 -5.45 8.50
CA LYS A 84 25.69 -4.61 9.68
C LYS A 84 24.38 -4.35 10.45
N THR A 85 23.26 -4.55 9.76
CA THR A 85 21.95 -4.38 10.36
C THR A 85 21.05 -5.52 9.91
N ASP A 86 19.99 -5.75 10.69
CA ASP A 86 19.00 -6.79 10.40
C ASP A 86 17.72 -6.28 9.74
N MET A 87 17.47 -4.99 9.90
CA MET A 87 16.27 -4.37 9.35
C MET A 87 16.54 -2.89 9.29
N ILE A 88 15.97 -2.21 8.30
CA ILE A 88 16.01 -0.75 8.20
C ILE A 88 14.67 -0.22 8.71
N ALA A 89 14.71 0.53 9.80
CA ALA A 89 13.51 1.07 10.44
C ALA A 89 13.47 2.58 10.23
N ILE A 90 12.77 3.00 9.18
CA ILE A 90 12.68 4.40 8.79
C ILE A 90 11.54 4.50 7.77
N ASP A 91 11.25 5.70 7.26
CA ASP A 91 10.36 5.84 6.11
C ASP A 91 11.13 5.39 4.86
N LEU A 92 11.17 4.09 4.58
CA LEU A 92 11.97 3.59 3.46
C LEU A 92 11.04 3.39 2.27
N SER A 93 11.24 4.21 1.24
CA SER A 93 10.38 4.16 0.06
C SER A 93 10.63 2.90 -0.76
N THR A 94 9.54 2.37 -1.31
CA THR A 94 9.58 1.24 -2.22
C THR A 94 9.96 1.67 -3.64
N ASN A 95 11.03 1.06 -4.17
CA ASN A 95 11.38 1.25 -5.57
C ASN A 95 12.01 -0.02 -6.12
N SER A 96 11.96 -0.16 -7.43
N SER A 96 11.98 -0.15 -7.44
CA SER A 96 12.43 -1.38 -8.08
CA SER A 96 12.41 -1.37 -8.10
C SER A 96 13.92 -1.61 -7.92
C SER A 96 13.92 -1.60 -7.96
N ALA A 97 14.71 -0.53 -7.91
CA ALA A 97 16.16 -0.68 -7.72
C ALA A 97 16.45 -1.37 -6.38
N ARG A 98 15.85 -0.86 -5.32
CA ARG A 98 16.02 -1.46 -4.02
C ARG A 98 15.47 -2.88 -3.94
N LYS A 99 14.32 -3.10 -4.57
N LYS A 99 14.31 -3.09 -4.57
CA LYS A 99 13.69 -4.41 -4.56
CA LYS A 99 13.65 -4.38 -4.54
C LYS A 99 14.60 -5.47 -5.18
C LYS A 99 14.50 -5.49 -5.19
N SER A 100 15.45 -5.06 -6.14
N SER A 100 15.40 -5.11 -6.09
CA SER A 100 16.38 -6.01 -6.75
CA SER A 100 16.30 -6.11 -6.69
C SER A 100 17.40 -6.55 -5.74
C SER A 100 17.30 -6.63 -5.65
N ALA A 101 17.60 -5.83 -4.62
CA ALA A 101 18.63 -6.15 -3.64
C ALA A 101 18.10 -6.55 -2.25
N ILE A 102 16.96 -6.01 -1.87
CA ILE A 102 16.40 -6.23 -0.53
C ILE A 102 14.91 -6.49 -0.61
N ASP A 103 14.34 -6.96 0.48
CA ASP A 103 12.89 -7.06 0.62
C ASP A 103 12.36 -5.88 1.43
N TYR A 104 11.05 -5.74 1.40
CA TYR A 104 10.35 -4.77 2.19
C TYR A 104 9.35 -5.45 3.09
N SER A 105 9.11 -4.84 4.25
CA SER A 105 8.00 -5.26 5.08
C SER A 105 6.67 -4.83 4.47
N PHE A 106 5.60 -5.26 5.12
CA PHE A 106 4.30 -4.68 4.88
C PHE A 106 4.41 -3.16 5.02
N PRO A 107 3.77 -2.39 4.13
CA PRO A 107 3.91 -0.93 4.23
C PRO A 107 3.14 -0.28 5.37
N PHE A 108 3.61 0.86 5.86
CA PHE A 108 2.91 1.62 6.90
C PHE A 108 2.28 2.94 6.42
N MET A 109 2.62 3.39 5.23
CA MET A 109 2.13 4.69 4.75
C MET A 109 2.23 4.75 3.25
N ASP A 110 1.29 5.43 2.59
CA ASP A 110 1.36 5.77 1.17
C ASP A 110 2.07 7.09 0.98
N ALA A 111 2.78 7.24 -0.13
CA ALA A 111 3.50 8.47 -0.39
C ALA A 111 3.66 8.72 -1.89
N GLY A 112 3.85 9.98 -2.24
CA GLY A 112 4.09 10.37 -3.61
C GLY A 112 5.21 11.38 -3.69
N ILE A 113 5.67 11.66 -4.91
CA ILE A 113 6.65 12.70 -5.13
C ILE A 113 5.93 14.03 -5.23
N LYS A 114 6.50 15.02 -4.57
CA LYS A 114 5.95 16.38 -4.53
C LYS A 114 7.07 17.37 -4.76
N ALA A 115 6.76 18.41 -5.53
CA ALA A 115 7.71 19.46 -5.83
C ALA A 115 7.18 20.74 -5.24
N VAL A 116 8.07 21.51 -4.63
CA VAL A 116 7.68 22.75 -3.95
C VAL A 116 8.65 23.87 -4.30
N VAL A 117 8.19 25.10 -4.15
CA VAL A 117 8.95 26.29 -4.49
C VAL A 117 8.51 27.44 -3.60
N LYS A 118 9.43 28.37 -3.32
CA LYS A 118 9.12 29.55 -2.53
C LYS A 118 8.60 30.65 -3.44
N GLY A 119 7.60 31.37 -2.97
CA GLY A 119 7.08 32.51 -3.70
C GLY A 119 5.73 32.16 -4.29
N GLU A 120 4.74 33.01 -4.03
CA GLU A 120 3.40 32.80 -4.56
C GLU A 120 3.40 33.04 -6.06
N GLY A 121 2.51 32.36 -6.76
CA GLY A 121 2.21 32.69 -8.12
C GLY A 121 3.27 32.22 -9.10
N THR A 122 3.90 31.10 -8.82
CA THR A 122 4.88 30.56 -9.75
C THR A 122 4.22 30.28 -11.10
N THR A 123 4.98 30.52 -12.15
CA THR A 123 4.52 30.25 -13.51
C THR A 123 4.69 28.77 -13.89
N LEU A 124 5.42 28.02 -13.09
CA LEU A 124 5.69 26.61 -13.37
C LEU A 124 4.44 25.76 -13.12
N ASN A 125 4.07 24.95 -14.10
CA ASN A 125 2.90 24.07 -13.98
C ASN A 125 3.28 22.62 -13.75
N GLN A 126 4.47 22.24 -14.20
CA GLN A 126 4.92 20.85 -14.09
C GLN A 126 6.44 20.87 -14.08
N VAL A 127 7.07 19.96 -13.34
CA VAL A 127 8.51 20.03 -13.15
C VAL A 127 9.33 19.93 -14.43
N LEU A 128 8.86 19.21 -15.45
CA LEU A 128 9.66 19.14 -16.68
C LEU A 128 9.83 20.51 -17.34
N GLU A 129 8.95 21.45 -17.02
CA GLU A 129 9.06 22.80 -17.58
C GLU A 129 10.34 23.49 -17.14
N LEU A 130 10.93 23.01 -16.05
CA LEU A 130 12.17 23.56 -15.56
C LEU A 130 13.29 23.49 -16.60
N LEU A 131 13.25 22.48 -17.46
CA LEU A 131 14.29 22.29 -18.47
C LEU A 131 14.29 23.37 -19.55
N ASP A 132 13.18 24.10 -19.68
CA ASP A 132 13.01 25.09 -20.75
C ASP A 132 13.05 26.52 -20.24
N GLN A 133 13.71 26.74 -19.10
CA GLN A 133 13.82 28.07 -18.51
C GLN A 133 15.08 28.16 -17.66
N ASP A 134 15.39 29.34 -17.16
CA ASP A 134 16.59 29.52 -16.32
C ASP A 134 16.37 30.51 -15.16
N LYS A 135 15.12 30.83 -14.89
CA LYS A 135 14.77 31.64 -13.73
C LYS A 135 14.97 30.83 -12.45
N TYR A 136 14.46 29.60 -12.45
CA TYR A 136 14.53 28.72 -11.30
C TYR A 136 15.61 27.66 -11.46
N LYS A 137 16.29 27.39 -10.35
CA LYS A 137 17.12 26.21 -10.24
C LYS A 137 16.26 25.16 -9.53
N TRP A 138 16.78 23.94 -9.42
CA TRP A 138 16.02 22.86 -8.81
C TRP A 138 16.94 21.75 -8.37
N GLY A 139 16.41 20.79 -7.61
CA GLY A 139 17.26 19.69 -7.21
C GLY A 139 16.55 18.64 -6.40
N VAL A 140 17.24 17.51 -6.29
CA VAL A 140 16.86 16.38 -5.43
C VAL A 140 18.05 16.05 -4.57
N ILE A 141 17.79 15.39 -3.47
CA ILE A 141 18.86 14.93 -2.58
C ILE A 141 19.50 13.67 -3.15
N GLY A 142 20.83 13.62 -3.16
CA GLY A 142 21.53 12.45 -3.63
C GLY A 142 21.33 11.23 -2.75
N SER A 143 21.24 10.08 -3.39
CA SER A 143 21.15 8.76 -2.74
C SER A 143 19.91 8.61 -1.90
N ARG A 144 18.84 9.24 -2.35
CA ARG A 144 17.55 9.20 -1.71
C ARG A 144 16.53 8.80 -2.79
N HIS A 145 15.38 8.32 -2.37
CA HIS A 145 14.41 7.72 -3.31
C HIS A 145 13.97 8.61 -4.47
N PRO A 146 13.61 9.88 -4.24
CA PRO A 146 13.13 10.66 -5.39
C PRO A 146 14.14 10.70 -6.53
N GLU A 147 15.42 10.87 -6.22
CA GLU A 147 16.45 10.85 -7.23
C GLU A 147 16.39 9.55 -8.02
N THR A 148 16.24 8.42 -7.33
CA THR A 148 16.19 7.13 -8.00
C THR A 148 14.96 6.99 -8.87
N LEU A 149 13.81 7.42 -8.39
CA LEU A 149 12.60 7.29 -9.18
C LEU A 149 12.69 8.13 -10.44
N LEU A 150 13.22 9.33 -10.34
CA LEU A 150 13.31 10.18 -11.53
C LEU A 150 14.31 9.60 -12.51
N LYS A 151 15.42 9.06 -12.03
CA LYS A 151 16.45 8.49 -12.90
C LYS A 151 16.01 7.20 -13.58
N THR A 152 15.02 6.52 -13.01
CA THR A 152 14.59 5.25 -13.61
C THR A 152 13.28 5.41 -14.41
N HIS A 153 12.67 6.60 -14.36
CA HIS A 153 11.45 6.90 -15.14
C HIS A 153 11.69 6.67 -16.63
N ARG A 154 10.69 6.09 -17.29
CA ARG A 154 10.74 5.79 -18.72
C ARG A 154 11.03 6.99 -19.58
N ASP A 155 10.55 8.14 -19.13
CA ASP A 155 10.74 9.41 -19.82
C ASP A 155 12.07 9.99 -19.33
N SER A 156 13.10 9.93 -20.17
CA SER A 156 14.44 10.32 -19.76
C SER A 156 14.58 11.80 -19.53
N ARG A 157 13.54 12.59 -19.80
CA ARG A 157 13.60 13.98 -19.41
C ARG A 157 13.68 14.11 -17.88
N TYR A 158 13.17 13.13 -17.14
CA TYR A 158 13.31 13.14 -15.68
C TYR A 158 14.75 12.90 -15.27
N SER A 159 15.47 12.09 -16.06
N SER A 159 15.48 12.06 -16.03
CA SER A 159 16.89 11.88 -15.83
CA SER A 159 16.91 11.91 -15.78
C SER A 159 17.67 13.16 -16.11
C SER A 159 17.63 13.22 -16.04
N ARG A 160 17.23 13.93 -17.09
CA ARG A 160 17.78 15.25 -17.31
C ARG A 160 17.59 16.18 -16.12
N LEU A 161 16.39 16.16 -15.52
CA LEU A 161 16.13 17.00 -14.36
C LEU A 161 17.12 16.70 -13.26
N VAL A 162 17.33 15.42 -12.99
CA VAL A 162 18.27 15.05 -11.95
C VAL A 162 19.69 15.47 -12.32
N ASP A 163 20.13 15.10 -13.52
CA ASP A 163 21.52 15.33 -13.94
C ASP A 163 21.87 16.82 -14.04
N GLU A 164 20.87 17.65 -14.35
CA GLU A 164 21.10 19.06 -14.56
C GLU A 164 20.74 19.92 -13.35
N GLY A 165 20.22 19.28 -12.29
CA GLY A 165 19.87 19.99 -11.08
C GLY A 165 21.00 20.05 -10.07
N VAL A 166 20.72 20.69 -8.94
CA VAL A 166 21.68 20.78 -7.86
C VAL A 166 21.61 19.46 -7.08
N GLU A 167 22.75 18.87 -6.77
CA GLU A 167 22.75 17.68 -5.91
C GLU A 167 22.78 18.15 -4.46
N LEU A 168 21.69 17.90 -3.77
CA LEU A 168 21.53 18.38 -2.41
C LEU A 168 22.03 17.29 -1.45
N LYS A 169 22.65 17.72 -0.35
CA LYS A 169 23.29 16.80 0.57
C LYS A 169 22.30 16.01 1.42
N ASP A 170 21.28 16.70 1.93
CA ASP A 170 20.39 16.14 2.93
C ASP A 170 19.16 17.05 3.05
N LEU A 171 18.22 16.68 3.89
CA LEU A 171 16.97 17.41 3.96
C LEU A 171 17.19 18.83 4.45
N ASN A 172 18.07 19.02 5.43
CA ASN A 172 18.39 20.36 5.92
C ASN A 172 18.94 21.27 4.82
N HIS A 173 19.85 20.73 4.01
CA HIS A 173 20.45 21.48 2.92
C HIS A 173 19.36 21.85 1.91
N ALA A 174 18.49 20.89 1.61
CA ALA A 174 17.45 21.11 0.61
C ALA A 174 16.47 22.19 1.04
N ILE A 175 16.04 22.13 2.29
CA ILE A 175 15.08 23.11 2.79
C ILE A 175 15.69 24.50 2.89
N GLU A 176 16.97 24.56 3.28
CA GLU A 176 17.71 25.81 3.29
C GLU A 176 17.71 26.43 1.89
N THR A 177 18.00 25.59 0.89
CA THR A 177 18.10 26.07 -0.48
C THR A 177 16.74 26.52 -1.00
N LEU A 178 15.71 25.74 -0.66
CA LEU A 178 14.33 26.10 -0.99
C LEU A 178 13.96 27.47 -0.42
N ARG A 179 14.26 27.67 0.85
CA ARG A 179 13.93 28.91 1.55
C ARG A 179 14.74 30.10 1.04
N GLY A 180 15.84 29.80 0.35
CA GLY A 180 16.65 30.81 -0.31
C GLY A 180 16.01 31.38 -1.57
N GLY A 181 14.99 30.70 -2.09
CA GLY A 181 14.20 31.22 -3.19
C GLY A 181 14.66 30.80 -4.59
N LEU A 182 13.76 30.97 -5.55
CA LEU A 182 14.02 30.66 -6.97
C LEU A 182 14.57 29.25 -7.11
N PHE A 183 13.99 28.32 -6.33
CA PHE A 183 14.49 26.95 -6.29
C PHE A 183 13.36 25.95 -6.06
N VAL A 184 13.25 24.97 -6.95
CA VAL A 184 12.25 23.91 -6.84
C VAL A 184 12.90 22.69 -6.23
N PHE A 185 12.41 22.31 -5.06
CA PHE A 185 12.89 21.10 -4.38
C PHE A 185 11.90 19.99 -4.66
N ILE A 186 12.40 18.85 -5.16
CA ILE A 186 11.55 17.71 -5.50
C ILE A 186 11.83 16.61 -4.47
N ASP A 187 10.82 16.24 -3.70
CA ASP A 187 11.01 15.20 -2.68
C ASP A 187 9.71 14.46 -2.42
N GLU A 188 9.40 14.12 -1.16
CA GLU A 188 8.27 13.25 -0.86
C GLU A 188 7.18 13.97 -0.09
N GLY A 189 5.92 13.72 -0.45
CA GLY A 189 4.80 14.42 0.18
C GLY A 189 4.79 14.47 1.71
N PRO A 190 4.90 13.30 2.36
CA PRO A 190 4.73 13.34 3.83
C PRO A 190 5.86 14.10 4.53
N VAL A 191 7.06 13.97 4.01
CA VAL A 191 8.21 14.64 4.56
C VAL A 191 8.05 16.15 4.39
N LEU A 192 7.64 16.58 3.21
CA LEU A 192 7.43 18.00 2.97
C LEU A 192 6.24 18.52 3.77
N ALA A 193 5.18 17.73 3.90
CA ALA A 193 4.01 18.17 4.66
C ALA A 193 4.38 18.54 6.08
N HIS A 194 5.17 17.69 6.72
CA HIS A 194 5.60 17.94 8.09
C HIS A 194 6.57 19.10 8.20
N ASN A 195 7.61 19.05 7.37
CA ASN A 195 8.73 19.96 7.55
C ASN A 195 8.51 21.37 7.03
N LEU A 196 7.50 21.56 6.18
CA LEU A 196 7.22 22.90 5.63
C LEU A 196 5.91 23.48 6.12
N ILE A 197 5.40 22.95 7.23
CA ILE A 197 4.06 23.30 7.69
C ILE A 197 3.93 24.78 8.02
N SER A 198 5.03 25.39 8.45
CA SER A 198 5.04 26.81 8.83
C SER A 198 5.55 27.74 7.74
N ASP A 199 5.98 27.16 6.61
CA ASP A 199 6.43 27.96 5.47
C ASP A 199 5.23 28.36 4.61
N CYS A 200 4.62 29.47 4.95
CA CYS A 200 3.37 29.88 4.32
C CYS A 200 3.61 30.44 2.93
N ASP A 201 4.87 30.71 2.61
CA ASP A 201 5.22 31.19 1.27
C ASP A 201 5.81 30.10 0.36
N VAL A 202 5.62 28.84 0.73
CA VAL A 202 6.07 27.72 -0.10
C VAL A 202 4.84 27.03 -0.69
N PHE A 203 4.92 26.73 -1.97
CA PHE A 203 3.78 26.24 -2.75
C PHE A 203 4.16 25.04 -3.58
N SER A 204 3.15 24.24 -3.95
N SER A 204 3.16 24.22 -3.93
CA SER A 204 3.36 23.06 -4.78
CA SER A 204 3.37 23.06 -4.77
C SER A 204 3.51 23.42 -6.25
C SER A 204 3.55 23.46 -6.24
N VAL A 205 4.37 22.68 -6.94
CA VAL A 205 4.55 22.81 -8.39
C VAL A 205 3.94 21.57 -9.00
N GLY A 206 2.82 21.75 -9.68
CA GLY A 206 2.07 20.63 -10.22
C GLY A 206 1.44 19.79 -9.13
N GLU A 207 1.02 18.59 -9.51
CA GLU A 207 0.39 17.65 -8.61
C GLU A 207 1.41 16.60 -8.22
N GLU A 208 1.10 15.84 -7.18
CA GLU A 208 1.98 14.74 -6.80
C GLU A 208 1.96 13.71 -7.91
N PHE A 209 3.07 13.00 -8.08
CA PHE A 209 3.17 11.96 -9.10
C PHE A 209 3.98 10.80 -8.57
N GLN A 210 3.75 9.64 -9.17
CA GLN A 210 4.23 8.35 -8.68
C GLN A 210 3.51 7.95 -7.41
N SER A 211 3.11 6.70 -7.32
CA SER A 211 2.60 6.16 -6.09
C SER A 211 3.57 5.13 -5.57
N PHE A 212 4.00 5.27 -4.31
CA PHE A 212 4.82 4.25 -3.67
C PHE A 212 4.46 4.19 -2.19
N GLU A 213 5.20 3.39 -1.45
CA GLU A 213 4.92 3.14 -0.03
C GLU A 213 6.14 3.39 0.80
N TYR A 214 5.91 3.67 2.08
CA TYR A 214 6.96 3.59 3.08
C TYR A 214 6.80 2.26 3.80
N ALA A 215 7.94 1.58 3.98
CA ALA A 215 7.97 0.27 4.62
C ALA A 215 9.29 0.19 5.36
N PHE A 216 9.52 -0.90 6.07
CA PHE A 216 10.84 -1.21 6.60
C PHE A 216 11.58 -2.09 5.58
N GLY A 217 12.91 -2.02 5.61
CA GLY A 217 13.72 -2.83 4.74
C GLY A 217 14.22 -4.07 5.43
N LEU A 218 14.19 -5.20 4.71
CA LEU A 218 14.61 -6.46 5.27
C LEU A 218 15.54 -7.16 4.31
N PRO A 219 16.54 -7.88 4.84
CA PRO A 219 17.34 -8.68 3.90
C PRO A 219 16.53 -9.81 3.29
N LYS A 220 16.87 -10.20 2.06
CA LYS A 220 16.22 -11.35 1.49
C LYS A 220 16.41 -12.57 2.41
N ASP A 221 15.38 -13.41 2.49
CA ASP A 221 15.37 -14.59 3.37
C ASP A 221 15.46 -14.29 4.87
N SER A 222 15.13 -13.08 5.28
CA SER A 222 15.15 -12.76 6.71
C SER A 222 14.23 -13.72 7.45
N PRO A 223 14.68 -14.25 8.60
CA PRO A 223 13.77 -15.13 9.34
C PRO A 223 12.70 -14.36 10.10
N TYR A 224 12.77 -13.03 10.05
CA TYR A 224 11.90 -12.19 10.86
C TYR A 224 10.80 -11.51 10.04
N LYS A 225 10.85 -11.64 8.72
CA LYS A 225 9.92 -10.89 7.88
C LYS A 225 8.45 -11.21 8.17
N SER A 226 8.13 -12.49 8.30
N SER A 226 8.14 -12.49 8.32
CA SER A 226 6.75 -12.88 8.53
CA SER A 226 6.74 -12.90 8.52
C SER A 226 6.16 -12.19 9.74
C SER A 226 6.11 -12.29 9.77
N LEU A 227 6.87 -12.24 10.86
CA LEU A 227 6.39 -11.66 12.10
C LEU A 227 6.31 -10.14 12.04
N ILE A 228 7.34 -9.51 11.49
CA ILE A 228 7.31 -8.06 11.36
C ILE A 228 6.12 -7.66 10.47
N ASP A 229 5.93 -8.35 9.36
CA ASP A 229 4.81 -8.04 8.46
C ASP A 229 3.45 -8.16 9.15
N SER A 230 3.23 -9.25 9.87
N SER A 230 3.24 -9.27 9.85
CA SER A 230 1.92 -9.45 10.48
CA SER A 230 1.98 -9.51 10.53
C SER A 230 1.65 -8.44 11.59
C SER A 230 1.68 -8.39 11.53
N HIS A 231 2.70 -7.99 12.28
CA HIS A 231 2.51 -7.01 13.33
C HIS A 231 2.31 -5.61 12.74
N LEU A 232 3.02 -5.30 11.66
CA LEU A 232 2.79 -4.03 10.98
C LEU A 232 1.39 -3.94 10.38
N LEU A 233 0.91 -5.01 9.76
N LEU A 233 0.92 -5.03 9.81
CA LEU A 233 -0.46 -5.03 9.25
CA LEU A 233 -0.46 -5.08 9.29
C LEU A 233 -1.45 -4.76 10.40
C LEU A 233 -1.46 -4.83 10.43
N LYS A 234 -1.27 -5.44 11.53
N LYS A 234 -1.24 -5.48 11.57
CA LYS A 234 -2.13 -5.23 12.69
CA LYS A 234 -2.10 -5.24 12.72
C LYS A 234 -2.09 -3.77 13.15
C LYS A 234 -2.10 -3.78 13.15
N PHE A 235 -0.91 -3.18 13.19
CA PHE A 235 -0.81 -1.76 13.54
C PHE A 235 -1.70 -0.90 12.62
N ARG A 236 -1.67 -1.19 11.33
N ARG A 236 -1.65 -1.19 11.32
CA ARG A 236 -2.44 -0.39 10.42
CA ARG A 236 -2.43 -0.43 10.36
C ARG A 236 -3.93 -0.64 10.62
C ARG A 236 -3.92 -0.65 10.60
N GLU A 237 -4.30 -1.91 10.72
CA GLU A 237 -5.70 -2.30 10.87
C GLU A 237 -6.33 -1.75 12.15
N GLU A 238 -5.55 -1.69 13.23
CA GLU A 238 -6.05 -1.23 14.52
C GLU A 238 -6.04 0.30 14.64
N GLY A 239 -5.49 0.99 13.66
CA GLY A 239 -5.47 2.45 13.70
C GLY A 239 -4.25 3.04 14.38
N PHE A 240 -3.28 2.22 14.74
CA PHE A 240 -2.11 2.68 15.47
C PHE A 240 -1.25 3.62 14.63
N ILE A 241 -1.10 3.29 13.35
CA ILE A 241 -0.29 4.12 12.47
C ILE A 241 -0.90 5.52 12.35
N ASP A 242 -2.21 5.59 12.19
CA ASP A 242 -2.90 6.88 12.08
C ASP A 242 -2.75 7.68 13.36
N ILE A 243 -2.87 7.01 14.50
CA ILE A 243 -2.69 7.67 15.79
C ILE A 243 -1.27 8.26 15.91
N LEU A 244 -0.26 7.49 15.50
CA LEU A 244 1.11 7.98 15.54
C LEU A 244 1.34 9.15 14.57
N TRP A 245 0.75 9.12 13.38
CA TRP A 245 0.91 10.24 12.47
C TRP A 245 0.30 11.50 13.07
N GLU A 246 -0.86 11.34 13.70
N GLU A 246 -0.85 11.35 13.72
CA GLU A 246 -1.49 12.48 14.35
CA GLU A 246 -1.49 12.50 14.37
C GLU A 246 -0.64 13.03 15.49
C GLU A 246 -0.66 13.03 15.53
N LYS A 247 -0.03 12.13 16.26
CA LYS A 247 0.85 12.51 17.37
C LYS A 247 2.08 13.30 16.88
N TRP A 248 2.73 12.81 15.83
CA TRP A 248 4.04 13.30 15.45
C TRP A 248 4.04 14.35 14.36
N SER A 249 3.06 14.33 13.46
CA SER A 249 3.12 15.31 12.37
C SER A 249 2.48 16.61 12.81
N SER A 250 2.94 17.71 12.24
CA SER A 250 2.31 19.00 12.48
C SER A 250 1.04 19.09 11.62
N GLY A 251 0.02 19.86 12.02
CA GLY A 251 0.01 20.60 13.27
C GLY A 251 -0.89 21.83 13.17
N GLY B 1 14.53 -19.16 -4.55
CA GLY B 1 15.89 -18.82 -5.08
C GLY B 1 16.09 -19.33 -6.50
N SER B 2 16.37 -20.62 -6.63
CA SER B 2 16.61 -21.22 -7.93
C SER B 2 15.31 -21.35 -8.71
N LYS B 3 14.24 -21.79 -8.04
CA LYS B 3 12.93 -21.92 -8.67
C LYS B 3 12.46 -20.57 -9.21
N ASN B 4 12.04 -20.57 -10.47
CA ASN B 4 11.37 -19.41 -11.07
C ASN B 4 10.07 -19.95 -11.69
N LEU B 5 9.38 -19.12 -12.47
CA LEU B 5 8.09 -19.51 -13.03
C LEU B 5 8.12 -20.02 -14.48
N ILE B 6 9.29 -20.07 -15.09
CA ILE B 6 9.38 -20.44 -16.50
C ILE B 6 8.92 -21.87 -16.70
N GLY B 7 7.89 -22.01 -17.52
CA GLY B 7 7.33 -23.32 -17.82
C GLY B 7 6.31 -23.83 -16.82
N ARG B 8 6.11 -23.12 -15.71
CA ARG B 8 5.16 -23.56 -14.71
C ARG B 8 3.75 -23.32 -15.21
N HIS B 9 2.80 -24.08 -14.68
CA HIS B 9 1.38 -23.89 -14.92
C HIS B 9 0.70 -23.52 -13.61
N LEU B 10 0.27 -22.26 -13.52
CA LEU B 10 -0.34 -21.76 -12.30
C LEU B 10 -1.85 -21.89 -12.34
N ARG B 11 -2.40 -22.29 -11.20
CA ARG B 11 -3.85 -22.27 -11.00
C ARG B 11 -4.16 -21.04 -10.16
N LEU B 12 -4.98 -20.15 -10.70
CA LEU B 12 -5.27 -18.87 -10.09
C LEU B 12 -6.69 -18.79 -9.58
N GLY B 13 -6.85 -18.47 -8.31
CA GLY B 13 -8.17 -18.31 -7.77
C GLY B 13 -8.73 -16.98 -8.15
N SER B 14 -9.98 -16.96 -8.57
CA SER B 14 -10.64 -15.72 -8.92
C SER B 14 -12.15 -15.92 -8.97
N VAL B 15 -12.88 -14.80 -9.00
CA VAL B 15 -14.32 -14.77 -9.21
C VAL B 15 -14.61 -13.46 -9.94
N GLU B 16 -15.79 -13.36 -10.55
CA GLU B 16 -16.21 -12.08 -11.09
C GLU B 16 -16.33 -11.04 -9.99
N GLU B 17 -15.78 -9.87 -10.23
CA GLU B 17 -15.90 -8.71 -9.36
C GLU B 17 -15.51 -7.51 -10.22
N GLN B 18 -16.49 -6.86 -10.81
CA GLN B 18 -16.21 -5.80 -11.76
C GLN B 18 -15.68 -4.59 -11.01
N PRO B 19 -14.66 -3.89 -11.55
CA PRO B 19 -14.06 -4.00 -12.88
C PRO B 19 -12.77 -4.81 -12.86
N PHE B 20 -12.49 -5.48 -11.76
CA PHE B 20 -11.29 -6.29 -11.60
C PHE B 20 -11.34 -7.54 -12.45
N MET B 21 -12.47 -8.23 -12.45
CA MET B 21 -12.70 -9.40 -13.26
C MET B 21 -14.13 -9.48 -13.71
N PHE B 22 -14.29 -9.89 -14.96
CA PHE B 22 -15.56 -10.18 -15.60
C PHE B 22 -15.46 -11.62 -16.06
N PHE B 23 -16.49 -12.42 -15.81
CA PHE B 23 -16.52 -13.83 -16.19
C PHE B 23 -17.72 -14.08 -17.08
N ALA B 24 -17.45 -14.49 -18.32
CA ALA B 24 -18.50 -14.82 -19.26
C ALA B 24 -18.93 -16.27 -18.99
N THR B 25 -20.23 -16.50 -18.97
CA THR B 25 -20.80 -17.79 -18.60
C THR B 25 -21.22 -18.63 -19.79
N GLU B 26 -21.00 -18.12 -21.00
CA GLU B 26 -21.30 -18.86 -22.22
C GLU B 26 -20.49 -18.25 -23.35
N GLY B 27 -20.31 -18.98 -24.45
CA GLY B 27 -19.70 -18.42 -25.64
C GLY B 27 -18.21 -18.19 -25.54
N CYS B 28 -17.54 -18.99 -24.72
CA CYS B 28 -16.13 -18.81 -24.46
C CYS B 28 -15.63 -20.12 -23.86
N GLU B 29 -14.33 -20.28 -23.81
CA GLU B 29 -13.72 -21.44 -23.17
C GLU B 29 -12.45 -21.02 -22.44
N GLY B 30 -12.25 -21.59 -21.26
CA GLY B 30 -10.98 -21.43 -20.59
C GLY B 30 -10.68 -19.99 -20.23
N ASN B 31 -9.43 -19.57 -20.45
CA ASN B 31 -8.99 -18.24 -20.02
C ASN B 31 -9.74 -17.15 -20.76
N ASP B 32 -10.25 -17.47 -21.94
CA ASP B 32 -10.95 -16.47 -22.76
C ASP B 32 -12.26 -16.02 -22.15
N CYS B 33 -12.74 -16.75 -21.16
CA CYS B 33 -13.95 -16.34 -20.43
C CYS B 33 -13.72 -15.15 -19.51
N TRP B 34 -12.47 -14.82 -19.25
CA TRP B 34 -12.12 -13.83 -18.24
C TRP B 34 -11.60 -12.56 -18.90
N SER B 35 -11.93 -11.41 -18.30
CA SER B 35 -11.42 -10.14 -18.75
C SER B 35 -11.44 -9.19 -17.55
N GLY B 36 -10.75 -8.07 -17.66
CA GLY B 36 -10.75 -7.04 -16.64
C GLY B 36 -9.38 -6.59 -16.22
N MET B 37 -9.34 -5.71 -15.23
CA MET B 37 -8.06 -5.15 -14.79
C MET B 37 -7.12 -6.24 -14.32
N VAL B 38 -7.62 -7.13 -13.47
CA VAL B 38 -6.77 -8.19 -12.91
C VAL B 38 -6.34 -9.12 -14.02
N ASN B 39 -7.25 -9.49 -14.93
CA ASN B 39 -6.86 -10.35 -16.03
C ASN B 39 -5.73 -9.71 -16.87
N ASP B 40 -5.79 -8.41 -17.10
CA ASP B 40 -4.73 -7.75 -17.86
C ASP B 40 -3.40 -7.84 -17.11
N MET B 41 -3.42 -7.72 -15.78
CA MET B 41 -2.21 -7.91 -15.00
C MET B 41 -1.66 -9.31 -15.12
N VAL B 42 -2.54 -10.30 -15.00
CA VAL B 42 -2.13 -11.71 -15.10
C VAL B 42 -1.51 -12.01 -16.47
N VAL B 43 -2.12 -11.51 -17.53
CA VAL B 43 -1.60 -11.74 -18.88
C VAL B 43 -0.18 -11.19 -18.99
N LYS B 44 0.03 -9.97 -18.52
N LYS B 44 0.04 -9.95 -18.55
CA LYS B 44 1.35 -9.37 -18.57
CA LYS B 44 1.38 -9.42 -18.59
C LYS B 44 2.37 -10.12 -17.71
C LYS B 44 2.34 -10.27 -17.77
N LEU B 45 1.96 -10.58 -16.54
CA LEU B 45 2.83 -11.40 -15.69
C LEU B 45 3.20 -12.71 -16.38
N SER B 46 2.23 -13.32 -17.03
N SER B 46 2.20 -13.34 -17.00
CA SER B 46 2.46 -14.62 -17.68
CA SER B 46 2.39 -14.59 -17.70
C SER B 46 3.46 -14.49 -18.81
C SER B 46 3.45 -14.47 -18.79
N GLU B 47 3.38 -13.39 -19.55
CA GLU B 47 4.29 -13.15 -20.66
C GLU B 47 5.69 -12.87 -20.16
N ASP B 48 5.79 -12.04 -19.14
CA ASP B 48 7.10 -11.64 -18.63
C ASP B 48 7.81 -12.76 -17.83
N LEU B 49 7.05 -13.61 -17.12
CA LEU B 49 7.60 -14.63 -16.23
C LEU B 49 7.56 -16.03 -16.83
N GLY B 50 6.85 -16.21 -17.93
CA GLY B 50 6.92 -17.46 -18.68
C GLY B 50 6.05 -18.61 -18.20
N PHE B 51 5.01 -18.30 -17.44
CA PHE B 51 4.08 -19.34 -17.00
C PHE B 51 2.82 -19.36 -17.86
N THR B 52 2.17 -20.52 -17.87
CA THR B 52 0.79 -20.62 -18.33
C THR B 52 -0.12 -20.66 -17.11
N TYR B 53 -1.43 -20.51 -17.32
CA TYR B 53 -2.32 -20.42 -16.18
C TYR B 53 -3.74 -20.82 -16.54
N GLU B 54 -4.53 -21.03 -15.51
CA GLU B 54 -5.99 -21.17 -15.61
C GLU B 54 -6.57 -20.57 -14.36
N TYR B 55 -7.84 -20.19 -14.42
CA TYR B 55 -8.54 -19.64 -13.27
C TYR B 55 -9.48 -20.67 -12.69
N ILE B 56 -9.54 -20.74 -11.37
CA ILE B 56 -10.38 -21.68 -10.64
C ILE B 56 -11.21 -20.90 -9.63
N GLN B 57 -12.53 -21.04 -9.74
CA GLN B 57 -13.48 -20.36 -8.85
C GLN B 57 -13.88 -21.28 -7.71
N PRO B 58 -14.03 -20.70 -6.52
CA PRO B 58 -14.55 -21.54 -5.41
C PRO B 58 -16.02 -21.87 -5.65
N ASP B 59 -16.42 -23.11 -5.40
CA ASP B 59 -17.82 -23.47 -5.52
C ASP B 59 -18.72 -22.63 -4.62
N ASP B 60 -18.22 -22.22 -3.47
CA ASP B 60 -19.02 -21.43 -2.55
C ASP B 60 -19.16 -19.97 -2.95
N ARG B 61 -18.43 -19.57 -3.97
CA ARG B 61 -18.39 -18.21 -4.53
C ARG B 61 -18.09 -17.10 -3.49
N LYS B 62 -17.35 -17.47 -2.45
N LYS B 62 -17.29 -17.48 -2.50
CA LYS B 62 -16.94 -16.52 -1.40
CA LYS B 62 -16.88 -16.57 -1.41
C LYS B 62 -15.49 -16.08 -1.61
C LYS B 62 -15.43 -16.12 -1.55
N PHE B 63 -15.15 -14.93 -1.04
CA PHE B 63 -13.78 -14.46 -1.03
C PHE B 63 -13.00 -15.23 0.01
N GLY B 64 -13.47 -15.20 1.27
CA GLY B 64 -12.92 -16.06 2.29
C GLY B 64 -12.81 -15.42 3.64
N ALA B 65 -13.30 -16.15 4.62
CA ALA B 65 -13.22 -15.76 6.02
C ALA B 65 -13.05 -16.98 6.89
N LEU B 66 -12.60 -16.73 8.12
CA LEU B 66 -12.33 -17.77 9.11
C LEU B 66 -13.55 -17.93 9.99
N ASN B 67 -14.09 -19.14 10.03
CA ASN B 67 -15.23 -19.45 10.88
C ASN B 67 -14.71 -19.72 12.29
N LYS B 68 -15.14 -18.92 13.26
CA LYS B 68 -14.65 -19.05 14.63
C LYS B 68 -15.20 -20.25 15.37
N THR B 69 -16.28 -20.85 14.86
CA THR B 69 -16.82 -22.07 15.44
C THR B 69 -16.01 -23.30 15.03
N THR B 70 -15.72 -23.42 13.73
CA THR B 70 -15.02 -24.58 13.20
C THR B 70 -13.51 -24.41 13.01
N ASN B 71 -13.04 -23.16 13.07
CA ASN B 71 -11.65 -22.81 12.76
C ASN B 71 -11.22 -23.19 11.34
N GLU B 72 -12.18 -23.20 10.41
CA GLU B 72 -11.93 -23.46 9.01
C GLU B 72 -12.22 -22.24 8.15
N TRP B 73 -11.47 -22.14 7.06
CA TRP B 73 -11.62 -21.11 6.06
C TRP B 73 -12.60 -21.56 4.98
N ASN B 74 -13.05 -20.59 4.21
CA ASN B 74 -13.86 -20.83 3.03
C ASN B 74 -13.39 -19.98 1.85
N GLY B 75 -14.13 -20.02 0.76
CA GLY B 75 -13.83 -19.19 -0.39
C GLY B 75 -12.52 -19.45 -1.07
N MET B 76 -12.02 -18.41 -1.71
CA MET B 76 -10.75 -18.51 -2.40
C MET B 76 -9.61 -18.77 -1.43
N ILE B 77 -9.71 -18.26 -0.20
CA ILE B 77 -8.66 -18.49 0.78
C ILE B 77 -8.55 -19.99 1.05
N ARG B 78 -9.67 -20.67 1.26
CA ARG B 78 -9.65 -22.11 1.50
C ARG B 78 -9.08 -22.88 0.31
N ASP B 79 -9.45 -22.49 -0.90
CA ASP B 79 -8.93 -23.20 -2.08
C ASP B 79 -7.39 -23.06 -2.14
N LEU B 80 -6.86 -21.90 -1.79
CA LEU B 80 -5.42 -21.68 -1.78
C LEU B 80 -4.77 -22.56 -0.71
N LEU B 81 -5.33 -22.58 0.50
CA LEU B 81 -4.78 -23.38 1.58
C LEU B 81 -4.79 -24.85 1.21
N ASP B 82 -5.79 -25.27 0.43
CA ASP B 82 -5.96 -26.68 0.09
C ASP B 82 -5.21 -27.07 -1.19
N ASP B 83 -4.36 -26.16 -1.68
CA ASP B 83 -3.51 -26.40 -2.85
C ASP B 83 -4.32 -26.62 -4.12
N LYS B 84 -5.53 -26.11 -4.18
CA LYS B 84 -6.28 -26.10 -5.42
C LYS B 84 -5.78 -24.98 -6.33
N THR B 85 -5.26 -23.93 -5.71
CA THR B 85 -4.70 -22.80 -6.44
C THR B 85 -3.33 -22.44 -5.88
N ASP B 86 -2.57 -21.67 -6.66
CA ASP B 86 -1.23 -21.19 -6.31
C ASP B 86 -1.17 -19.73 -5.93
N MET B 87 -2.19 -18.99 -6.34
CA MET B 87 -2.24 -17.55 -6.10
C MET B 87 -3.69 -17.14 -6.27
N ILE B 88 -4.14 -16.16 -5.48
CA ILE B 88 -5.46 -15.59 -5.62
C ILE B 88 -5.29 -14.29 -6.38
N ALA B 89 -5.83 -14.22 -7.60
CA ALA B 89 -5.68 -13.09 -8.49
C ALA B 89 -7.03 -12.37 -8.58
N ILE B 90 -7.20 -11.37 -7.71
CA ILE B 90 -8.44 -10.62 -7.60
C ILE B 90 -8.12 -9.39 -6.75
N ASP B 91 -9.11 -8.53 -6.52
CA ASP B 91 -8.97 -7.50 -5.50
C ASP B 91 -9.07 -8.12 -4.12
N LEU B 92 -7.97 -8.65 -3.61
CA LEU B 92 -7.99 -9.35 -2.32
C LEU B 92 -7.51 -8.39 -1.25
N SER B 93 -8.39 -8.04 -0.33
CA SER B 93 -8.05 -7.10 0.72
C SER B 93 -7.14 -7.70 1.78
N THR B 94 -6.24 -6.87 2.26
CA THR B 94 -5.35 -7.21 3.37
C THR B 94 -6.07 -7.10 4.71
N ASN B 95 -6.08 -8.20 5.47
CA ASN B 95 -6.55 -8.17 6.83
C ASN B 95 -5.78 -9.17 7.67
N SER B 96 -5.77 -8.94 8.98
N SER B 96 -5.80 -8.96 8.99
CA SER B 96 -4.99 -9.75 9.89
CA SER B 96 -4.99 -9.73 9.91
C SER B 96 -5.44 -11.19 9.95
C SER B 96 -5.46 -11.18 10.04
N ALA B 97 -6.74 -11.44 9.85
CA ALA B 97 -7.20 -12.83 9.89
C ALA B 97 -6.59 -13.63 8.75
N ARG B 98 -6.67 -13.09 7.54
CA ARG B 98 -6.08 -13.76 6.39
C ARG B 98 -4.57 -13.88 6.50
N LYS B 99 -3.93 -12.84 7.01
N LYS B 99 -3.92 -12.84 7.00
CA LYS B 99 -2.47 -12.83 7.16
CA LYS B 99 -2.46 -12.86 7.16
C LYS B 99 -2.00 -13.93 8.10
C LYS B 99 -2.03 -14.01 8.06
N SER B 100 -2.87 -14.40 9.00
N SER B 100 -2.88 -14.40 9.02
CA SER B 100 -2.46 -15.51 9.87
CA SER B 100 -2.55 -15.51 9.90
C SER B 100 -2.32 -16.80 9.07
C SER B 100 -2.44 -16.84 9.15
N ALA B 101 -3.05 -16.90 7.97
CA ALA B 101 -3.07 -18.13 7.17
C ALA B 101 -2.31 -18.10 5.84
N ILE B 102 -2.27 -16.94 5.19
CA ILE B 102 -1.64 -16.79 3.89
C ILE B 102 -0.74 -15.55 3.87
N ASP B 103 0.01 -15.42 2.80
CA ASP B 103 0.78 -14.21 2.53
C ASP B 103 0.07 -13.40 1.45
N TYR B 104 0.53 -12.17 1.32
CA TYR B 104 0.09 -11.26 0.28
C TYR B 104 1.23 -10.86 -0.60
N SER B 105 0.94 -10.60 -1.86
CA SER B 105 1.88 -9.98 -2.75
C SER B 105 2.04 -8.51 -2.39
N PHE B 106 2.97 -7.86 -3.07
CA PHE B 106 3.04 -6.42 -3.09
C PHE B 106 1.66 -5.89 -3.51
N PRO B 107 1.18 -4.82 -2.86
CA PRO B 107 -0.17 -4.32 -3.18
C PRO B 107 -0.26 -3.61 -4.54
N PHE B 108 -1.42 -3.69 -5.17
CA PHE B 108 -1.67 -2.94 -6.41
C PHE B 108 -2.62 -1.73 -6.26
N MET B 109 -3.36 -1.63 -5.16
CA MET B 109 -4.30 -0.51 -5.00
C MET B 109 -4.55 -0.27 -3.51
N ASP B 110 -4.76 0.99 -3.14
CA ASP B 110 -5.25 1.35 -1.81
C ASP B 110 -6.78 1.32 -1.77
N ALA B 111 -7.35 0.93 -0.63
CA ALA B 111 -8.80 0.87 -0.49
C ALA B 111 -9.23 1.14 0.96
N GLY B 112 -10.49 1.54 1.13
CA GLY B 112 -11.07 1.73 2.45
C GLY B 112 -12.47 1.20 2.43
N ILE B 113 -13.04 1.11 3.62
CA ILE B 113 -14.45 0.74 3.78
C ILE B 113 -15.31 1.95 3.48
N LYS B 114 -16.37 1.73 2.71
CA LYS B 114 -17.30 2.80 2.34
C LYS B 114 -18.71 2.31 2.57
N ALA B 115 -19.52 3.14 3.23
CA ALA B 115 -20.93 2.85 3.43
C ALA B 115 -21.76 3.78 2.59
N VAL B 116 -22.76 3.21 1.92
CA VAL B 116 -23.66 3.98 1.06
C VAL B 116 -25.11 3.65 1.41
N VAL B 117 -26.01 4.57 1.07
CA VAL B 117 -27.40 4.51 1.51
C VAL B 117 -28.33 4.98 0.42
N LYS B 118 -29.48 4.32 0.31
CA LYS B 118 -30.57 4.77 -0.51
C LYS B 118 -31.75 5.08 0.39
N GLY B 119 -32.32 6.27 0.25
CA GLY B 119 -33.50 6.63 1.03
C GLY B 119 -33.74 8.12 1.06
N GLU B 120 -35.02 8.50 0.99
CA GLU B 120 -35.45 9.87 1.16
C GLU B 120 -35.66 10.14 2.65
N GLY B 121 -35.76 11.41 3.02
CA GLY B 121 -36.00 11.77 4.40
C GLY B 121 -34.75 11.84 5.25
N THR B 122 -34.92 11.64 6.55
CA THR B 122 -33.77 11.65 7.44
C THR B 122 -32.75 10.64 6.96
N THR B 123 -31.49 10.98 7.13
CA THR B 123 -30.43 10.10 6.70
C THR B 123 -29.49 9.88 7.87
N LEU B 124 -28.34 9.27 7.60
CA LEU B 124 -27.39 8.89 8.63
C LEU B 124 -26.03 9.50 8.35
N ASN B 125 -25.30 9.81 9.42
CA ASN B 125 -23.98 10.42 9.34
C ASN B 125 -22.83 9.45 9.60
N GLN B 126 -23.09 8.37 10.31
CA GLN B 126 -22.06 7.42 10.65
C GLN B 126 -22.73 6.09 10.91
N VAL B 127 -22.08 5.01 10.48
CA VAL B 127 -22.75 3.72 10.48
C VAL B 127 -23.25 3.23 11.85
N LEU B 128 -22.57 3.56 12.95
CA LEU B 128 -23.05 3.07 14.25
C LEU B 128 -24.42 3.62 14.61
N GLU B 129 -24.85 4.72 13.97
CA GLU B 129 -26.19 5.25 14.22
C GLU B 129 -27.28 4.26 13.83
N LEU B 130 -26.93 3.29 12.98
CA LEU B 130 -27.88 2.29 12.55
C LEU B 130 -28.43 1.49 13.73
N LEU B 131 -27.63 1.35 14.79
CA LEU B 131 -28.02 0.54 15.94
C LEU B 131 -29.13 1.16 16.77
N ASP B 132 -29.35 2.46 16.62
CA ASP B 132 -30.29 3.18 17.48
C ASP B 132 -31.52 3.66 16.70
N GLN B 133 -31.88 2.94 15.64
CA GLN B 133 -33.02 3.32 14.80
C GLN B 133 -33.56 2.08 14.07
N ASP B 134 -34.72 2.23 13.42
CA ASP B 134 -35.26 1.14 12.61
C ASP B 134 -35.85 1.60 11.28
N LYS B 135 -35.51 2.80 10.85
CA LYS B 135 -35.91 3.22 9.52
C LYS B 135 -35.15 2.46 8.43
N TYR B 136 -33.83 2.38 8.59
CA TYR B 136 -32.94 1.73 7.64
C TYR B 136 -32.57 0.34 8.08
N LYS B 137 -32.58 -0.60 7.15
CA LYS B 137 -31.90 -1.86 7.33
C LYS B 137 -30.49 -1.72 6.75
N TRP B 138 -29.65 -2.73 6.96
CA TRP B 138 -28.27 -2.62 6.54
C TRP B 138 -27.66 -4.00 6.41
N GLY B 139 -26.48 -4.07 5.78
CA GLY B 139 -25.81 -5.35 5.65
C GLY B 139 -24.43 -5.26 5.08
N VAL B 140 -23.70 -6.35 5.31
CA VAL B 140 -22.43 -6.65 4.68
C VAL B 140 -22.55 -8.03 4.04
N ILE B 141 -21.70 -8.30 3.06
CA ILE B 141 -21.65 -9.61 2.42
C ILE B 141 -20.89 -10.60 3.30
N GLY B 142 -21.42 -11.79 3.46
CA GLY B 142 -20.78 -12.79 4.28
C GLY B 142 -19.48 -13.29 3.68
N SER B 143 -18.49 -13.52 4.54
CA SER B 143 -17.20 -14.09 4.16
C SER B 143 -16.43 -13.23 3.18
N ARG B 144 -16.63 -11.93 3.28
CA ARG B 144 -15.92 -10.95 2.48
C ARG B 144 -15.22 -10.00 3.47
N HIS B 145 -14.25 -9.24 2.99
CA HIS B 145 -13.39 -8.47 3.87
C HIS B 145 -14.12 -7.48 4.80
N PRO B 146 -15.05 -6.66 4.31
CA PRO B 146 -15.65 -5.68 5.23
C PRO B 146 -16.26 -6.36 6.44
N GLU B 147 -16.96 -7.47 6.27
CA GLU B 147 -17.49 -8.22 7.41
C GLU B 147 -16.39 -8.57 8.39
N THR B 148 -15.25 -9.07 7.91
CA THR B 148 -14.14 -9.42 8.78
C THR B 148 -13.61 -8.19 9.52
N LEU B 149 -13.43 -7.08 8.85
CA LEU B 149 -12.90 -5.90 9.52
C LEU B 149 -13.84 -5.41 10.60
N LEU B 150 -15.14 -5.42 10.33
CA LEU B 150 -16.10 -4.96 11.32
C LEU B 150 -16.14 -5.93 12.51
N LYS B 151 -16.05 -7.24 12.26
CA LYS B 151 -16.09 -8.22 13.33
C LYS B 151 -14.81 -8.24 14.17
N THR B 152 -13.71 -7.74 13.64
N THR B 152 -13.70 -7.75 13.59
CA THR B 152 -12.47 -7.77 14.40
CA THR B 152 -12.39 -7.69 14.26
C THR B 152 -12.10 -6.40 14.95
C THR B 152 -12.22 -6.42 15.09
N HIS B 153 -12.94 -5.39 14.68
CA HIS B 153 -12.76 -4.05 15.22
C HIS B 153 -12.83 -4.10 16.75
N ARG B 154 -11.97 -3.35 17.42
CA ARG B 154 -11.93 -3.44 18.87
C ARG B 154 -13.16 -2.80 19.54
N ASP B 155 -13.92 -1.97 18.81
CA ASP B 155 -15.23 -1.50 19.28
C ASP B 155 -16.29 -2.51 18.85
N SER B 156 -16.78 -3.30 19.79
CA SER B 156 -17.67 -4.42 19.46
C SER B 156 -19.05 -3.97 19.00
N ARG B 157 -19.32 -2.67 19.02
CA ARG B 157 -20.53 -2.21 18.36
C ARG B 157 -20.48 -2.52 16.86
N TYR B 158 -19.28 -2.60 16.27
CA TYR B 158 -19.17 -2.96 14.86
C TYR B 158 -19.52 -4.43 14.64
N SER B 159 -19.19 -5.29 15.59
CA SER B 159 -19.68 -6.68 15.55
C SER B 159 -21.21 -6.74 15.64
N ARG B 160 -21.80 -5.88 16.47
CA ARG B 160 -23.27 -5.78 16.53
C ARG B 160 -23.83 -5.45 15.16
N LEU B 161 -23.22 -4.48 14.47
CA LEU B 161 -23.68 -4.12 13.14
C LEU B 161 -23.74 -5.33 12.25
N VAL B 162 -22.69 -6.14 12.26
CA VAL B 162 -22.65 -7.31 11.41
C VAL B 162 -23.70 -8.32 11.87
N ASP B 163 -23.74 -8.63 13.16
CA ASP B 163 -24.61 -9.66 13.67
C ASP B 163 -26.09 -9.34 13.48
N GLU B 164 -26.45 -8.05 13.52
CA GLU B 164 -27.85 -7.63 13.46
C GLU B 164 -28.29 -7.16 12.08
N GLY B 165 -27.36 -7.19 11.13
CA GLY B 165 -27.63 -6.80 9.75
C GLY B 165 -28.17 -7.94 8.92
N VAL B 166 -28.60 -7.62 7.70
CA VAL B 166 -29.20 -8.60 6.82
C VAL B 166 -28.08 -9.41 6.19
N GLU B 167 -28.29 -10.70 5.93
CA GLU B 167 -27.18 -11.42 5.34
C GLU B 167 -27.24 -11.26 3.85
N LEU B 168 -26.08 -10.89 3.29
CA LEU B 168 -25.96 -10.69 1.87
C LEU B 168 -25.02 -11.73 1.30
N LYS B 169 -25.45 -12.35 0.21
CA LYS B 169 -24.77 -13.51 -0.36
C LYS B 169 -23.53 -13.14 -1.18
N ASP B 170 -23.63 -12.06 -1.94
CA ASP B 170 -22.63 -11.67 -2.91
C ASP B 170 -22.90 -10.25 -3.36
N LEU B 171 -22.05 -9.72 -4.22
CA LEU B 171 -22.15 -8.34 -4.61
C LEU B 171 -23.44 -8.02 -5.37
N ASN B 172 -23.89 -8.92 -6.25
CA ASN B 172 -25.15 -8.68 -6.96
C ASN B 172 -26.33 -8.58 -5.99
N HIS B 173 -26.37 -9.48 -5.01
CA HIS B 173 -27.45 -9.50 -4.03
C HIS B 173 -27.42 -8.22 -3.19
N ALA B 174 -26.23 -7.79 -2.80
CA ALA B 174 -26.08 -6.57 -2.03
C ALA B 174 -26.57 -5.36 -2.80
N ILE B 175 -26.16 -5.23 -4.06
CA ILE B 175 -26.54 -4.08 -4.85
C ILE B 175 -28.06 -4.07 -5.12
N GLU B 176 -28.64 -5.24 -5.39
N GLU B 176 -28.60 -5.26 -5.39
CA GLU B 176 -30.09 -5.29 -5.57
CA GLU B 176 -30.06 -5.43 -5.54
C GLU B 176 -30.85 -4.94 -4.27
C GLU B 176 -30.79 -4.92 -4.29
N THR B 177 -30.30 -5.34 -3.14
CA THR B 177 -30.92 -4.97 -1.86
C THR B 177 -30.80 -3.46 -1.62
N LEU B 178 -29.62 -2.89 -1.89
CA LEU B 178 -29.44 -1.45 -1.78
C LEU B 178 -30.43 -0.70 -2.68
N ARG B 179 -30.55 -1.15 -3.92
CA ARG B 179 -31.44 -0.48 -4.86
C ARG B 179 -32.91 -0.59 -4.48
N GLY B 180 -33.22 -1.58 -3.64
CA GLY B 180 -34.57 -1.72 -3.12
C GLY B 180 -34.96 -0.62 -2.15
N GLY B 181 -33.99 0.10 -1.61
CA GLY B 181 -34.26 1.27 -0.80
C GLY B 181 -34.21 1.08 0.70
N LEU B 182 -34.07 2.20 1.41
CA LEU B 182 -34.03 2.22 2.88
C LEU B 182 -33.04 1.20 3.41
N PHE B 183 -31.86 1.25 2.83
CA PHE B 183 -30.83 0.26 3.10
C PHE B 183 -29.46 0.93 3.07
N VAL B 184 -28.61 0.53 4.01
CA VAL B 184 -27.20 0.89 4.02
C VAL B 184 -26.35 -0.35 3.73
N PHE B 185 -25.55 -0.26 2.66
CA PHE B 185 -24.62 -1.32 2.27
C PHE B 185 -23.23 -0.85 2.63
N ILE B 186 -22.53 -1.67 3.41
CA ILE B 186 -21.18 -1.36 3.85
C ILE B 186 -20.20 -2.27 3.12
N ASP B 187 -19.36 -1.68 2.27
CA ASP B 187 -18.42 -2.46 1.44
C ASP B 187 -17.15 -1.66 1.21
N GLU B 188 -16.58 -1.73 0.01
CA GLU B 188 -15.27 -1.13 -0.27
C GLU B 188 -15.35 -0.03 -1.30
N GLY B 189 -14.58 1.03 -1.08
CA GLY B 189 -14.58 2.20 -1.93
C GLY B 189 -14.48 1.95 -3.43
N PRO B 190 -13.44 1.24 -3.88
CA PRO B 190 -13.29 1.13 -5.33
C PRO B 190 -14.40 0.31 -6.00
N VAL B 191 -14.86 -0.72 -5.30
CA VAL B 191 -15.92 -1.57 -5.81
C VAL B 191 -17.21 -0.76 -5.97
N LEU B 192 -17.54 0.03 -4.96
CA LEU B 192 -18.74 0.83 -5.01
C LEU B 192 -18.60 1.96 -6.02
N ALA B 193 -17.41 2.57 -6.12
CA ALA B 193 -17.19 3.64 -7.09
C ALA B 193 -17.53 3.18 -8.50
N HIS B 194 -17.03 2.01 -8.85
CA HIS B 194 -17.29 1.50 -10.18
C HIS B 194 -18.74 1.06 -10.37
N ASN B 195 -19.27 0.28 -9.44
CA ASN B 195 -20.54 -0.38 -9.67
C ASN B 195 -21.77 0.46 -9.42
N LEU B 196 -21.62 1.58 -8.71
CA LEU B 196 -22.77 2.45 -8.39
C LEU B 196 -22.71 3.82 -9.08
N ILE B 197 -21.90 3.89 -10.14
CA ILE B 197 -21.63 5.16 -10.82
C ILE B 197 -22.91 5.85 -11.33
N SER B 198 -23.90 5.06 -11.73
N SER B 198 -23.90 5.06 -11.73
CA SER B 198 -25.11 5.62 -12.31
CA SER B 198 -25.13 5.60 -12.30
C SER B 198 -26.25 5.73 -11.29
C SER B 198 -26.32 5.51 -11.36
N ASP B 199 -26.05 5.20 -10.09
CA ASP B 199 -27.08 5.24 -9.05
C ASP B 199 -27.15 6.60 -8.38
N CYS B 200 -27.89 7.50 -9.00
CA CYS B 200 -27.91 8.90 -8.58
C CYS B 200 -28.67 9.10 -7.29
N ASP B 201 -29.40 8.08 -6.87
CA ASP B 201 -30.15 8.14 -5.61
C ASP B 201 -29.46 7.37 -4.48
N VAL B 202 -28.18 7.08 -4.64
CA VAL B 202 -27.38 6.46 -3.60
C VAL B 202 -26.34 7.48 -3.13
N PHE B 203 -26.24 7.65 -1.81
CA PHE B 203 -25.39 8.66 -1.20
C PHE B 203 -24.47 8.03 -0.17
N SER B 204 -23.45 8.76 0.26
CA SER B 204 -22.52 8.28 1.28
C SER B 204 -23.10 8.35 2.70
N VAL B 205 -22.63 7.43 3.55
CA VAL B 205 -22.81 7.52 5.00
C VAL B 205 -21.45 7.77 5.61
N GLY B 206 -21.18 9.03 5.92
CA GLY B 206 -19.91 9.42 6.51
C GLY B 206 -18.75 9.30 5.56
N GLU B 207 -17.54 9.36 6.13
CA GLU B 207 -16.31 9.22 5.37
C GLU B 207 -15.88 7.76 5.30
N GLU B 208 -14.98 7.45 4.37
CA GLU B 208 -14.38 6.14 4.36
C GLU B 208 -13.61 5.92 5.65
N PHE B 209 -13.50 4.66 6.06
CA PHE B 209 -12.79 4.34 7.30
C PHE B 209 -12.06 3.03 7.14
N GLN B 210 -10.98 2.87 7.92
CA GLN B 210 -10.00 1.78 7.75
C GLN B 210 -9.16 2.03 6.50
N SER B 211 -7.88 1.78 6.62
CA SER B 211 -7.01 1.77 5.46
C SER B 211 -6.50 0.37 5.25
N PHE B 212 -6.60 -0.15 4.02
CA PHE B 212 -6.02 -1.42 3.69
C PHE B 212 -5.64 -1.41 2.20
N GLU B 213 -5.19 -2.54 1.70
CA GLU B 213 -4.73 -2.64 0.31
C GLU B 213 -5.41 -3.78 -0.37
N TYR B 214 -5.45 -3.70 -1.69
CA TYR B 214 -5.71 -4.86 -2.54
C TYR B 214 -4.37 -5.44 -3.00
N ALA B 215 -4.24 -6.74 -2.89
CA ALA B 215 -3.06 -7.45 -3.32
C ALA B 215 -3.49 -8.82 -3.86
N PHE B 216 -2.53 -9.62 -4.33
CA PHE B 216 -2.80 -11.00 -4.65
C PHE B 216 -2.47 -11.85 -3.41
N GLY B 217 -3.16 -12.97 -3.26
CA GLY B 217 -2.94 -13.89 -2.17
C GLY B 217 -1.98 -15.00 -2.56
N LEU B 218 -1.03 -15.33 -1.68
CA LEU B 218 -0.03 -16.35 -1.95
C LEU B 218 0.05 -17.29 -0.74
N PRO B 219 0.26 -18.59 -0.96
CA PRO B 219 0.45 -19.45 0.20
C PRO B 219 1.79 -19.16 0.88
N LYS B 220 1.83 -19.38 2.18
CA LYS B 220 3.09 -19.24 2.88
C LYS B 220 4.14 -20.13 2.23
N ASP B 221 5.37 -19.63 2.18
CA ASP B 221 6.51 -20.36 1.62
C ASP B 221 6.42 -20.58 0.10
N SER B 222 5.57 -19.82 -0.58
CA SER B 222 5.53 -19.91 -2.04
C SER B 222 6.88 -19.58 -2.65
N PRO B 223 7.35 -20.40 -3.59
CA PRO B 223 8.62 -20.06 -4.25
C PRO B 223 8.45 -18.97 -5.27
N TYR B 224 7.22 -18.51 -5.50
CA TYR B 224 6.94 -17.53 -6.55
C TYR B 224 6.73 -16.11 -6.04
N LYS B 225 6.68 -15.94 -4.72
CA LYS B 225 6.34 -14.64 -4.15
C LYS B 225 7.32 -13.54 -4.55
N SER B 226 8.61 -13.83 -4.51
N SER B 226 8.60 -13.83 -4.50
CA SER B 226 9.58 -12.79 -4.77
CA SER B 226 9.61 -12.83 -4.77
C SER B 226 9.40 -12.23 -6.17
C SER B 226 9.47 -12.24 -6.17
N LEU B 227 9.27 -13.12 -7.15
CA LEU B 227 9.10 -12.69 -8.53
C LEU B 227 7.79 -11.94 -8.74
N ILE B 228 6.70 -12.44 -8.20
CA ILE B 228 5.43 -11.77 -8.38
C ILE B 228 5.52 -10.38 -7.73
N ASP B 229 6.08 -10.30 -6.53
CA ASP B 229 6.21 -9.01 -5.85
C ASP B 229 7.03 -8.00 -6.65
N SER B 230 8.17 -8.43 -7.17
N SER B 230 8.16 -8.41 -7.19
CA SER B 230 9.01 -7.53 -7.95
CA SER B 230 8.99 -7.46 -7.91
C SER B 230 8.27 -7.00 -9.16
C SER B 230 8.34 -7.01 -9.22
N HIS B 231 7.56 -7.89 -9.84
CA HIS B 231 6.88 -7.50 -11.06
C HIS B 231 5.67 -6.61 -10.77
N LEU B 232 4.97 -6.85 -9.69
CA LEU B 232 3.87 -5.98 -9.31
C LEU B 232 4.35 -4.59 -8.91
N LEU B 233 5.47 -4.52 -8.20
CA LEU B 233 6.04 -3.22 -7.84
C LEU B 233 6.40 -2.44 -9.11
N LYS B 234 7.02 -3.13 -10.07
CA LYS B 234 7.36 -2.49 -11.33
C LYS B 234 6.11 -1.98 -12.05
N PHE B 235 5.04 -2.77 -12.06
CA PHE B 235 3.78 -2.31 -12.67
C PHE B 235 3.34 -0.99 -12.02
N ARG B 236 3.41 -0.91 -10.70
CA ARG B 236 2.95 0.28 -10.01
C ARG B 236 3.86 1.47 -10.36
N GLU B 237 5.16 1.25 -10.26
CA GLU B 237 6.15 2.30 -10.48
C GLU B 237 6.08 2.86 -11.91
N GLU B 238 5.80 1.97 -12.89
CA GLU B 238 5.72 2.36 -14.30
C GLU B 238 4.40 3.01 -14.67
N GLY B 239 3.45 3.01 -13.75
CA GLY B 239 2.13 3.60 -14.01
C GLY B 239 1.13 2.68 -14.68
N PHE B 240 1.46 1.41 -14.80
CA PHE B 240 0.59 0.44 -15.47
C PHE B 240 -0.72 0.22 -14.72
N ILE B 241 -0.65 0.15 -13.41
CA ILE B 241 -1.86 -0.07 -12.65
C ILE B 241 -2.82 1.10 -12.82
N ASP B 242 -2.31 2.34 -12.81
CA ASP B 242 -3.18 3.48 -13.03
C ASP B 242 -3.83 3.45 -14.41
N ILE B 243 -3.05 3.04 -15.42
CA ILE B 243 -3.58 2.97 -16.77
C ILE B 243 -4.71 1.94 -16.86
N LEU B 244 -4.54 0.80 -16.20
CA LEU B 244 -5.58 -0.22 -16.21
C LEU B 244 -6.82 0.23 -15.45
N TRP B 245 -6.66 0.96 -14.35
CA TRP B 245 -7.83 1.48 -13.65
C TRP B 245 -8.60 2.46 -14.55
N GLU B 246 -7.88 3.33 -15.23
N GLU B 246 -7.89 3.32 -15.26
CA GLU B 246 -8.52 4.24 -16.16
CA GLU B 246 -8.56 4.24 -16.16
C GLU B 246 -9.25 3.47 -17.26
C GLU B 246 -9.21 3.52 -17.33
N LYS B 247 -8.61 2.41 -17.77
CA LYS B 247 -9.20 1.61 -18.83
C LYS B 247 -10.50 0.93 -18.41
N TRP B 248 -10.50 0.34 -17.22
CA TRP B 248 -11.60 -0.53 -16.83
C TRP B 248 -12.68 0.09 -15.94
N SER B 249 -12.33 1.08 -15.13
CA SER B 249 -13.32 1.61 -14.21
C SER B 249 -14.23 2.54 -14.97
N SER B 250 -15.46 2.66 -14.46
CA SER B 250 -16.49 3.40 -15.16
C SER B 250 -16.20 4.88 -15.09
N GLY B 251 -16.61 5.61 -16.12
CA GLY B 251 -16.35 7.03 -16.23
C GLY B 251 -17.63 7.80 -16.40
N ASN B 252 -17.51 9.13 -16.39
CA ASN B 252 -18.67 10.00 -16.45
C ASN B 252 -19.64 9.66 -15.32
N SER B 253 -20.86 10.13 -15.45
CA SER B 253 -21.95 9.78 -14.56
C SER B 253 -23.16 10.53 -15.08
N VAL B 254 -24.26 9.82 -15.29
CA VAL B 254 -25.49 10.45 -15.72
C VAL B 254 -25.93 11.46 -14.65
N CYS B 255 -25.50 11.21 -13.42
CA CYS B 255 -25.88 12.04 -12.29
C CYS B 255 -25.33 13.46 -12.41
N ALA C . 11.81 7.86 1.91
CA ALA C . 13.12 8.32 1.39
C ALA C . 13.97 7.14 0.93
O ALA C . 15.06 7.32 0.37
CB ALA C . 13.84 9.10 2.46
OXT ALA C . 13.53 6.00 1.13
H1 ALA C . 11.27 8.56 2.00
H2 ALA C . 11.44 7.29 1.33
H3 ALA C . 11.92 7.45 2.68
HA ALA C . 12.98 8.91 0.62
HB1 ALA C . 14.69 9.40 2.11
HB2 ALA C . 13.29 9.87 2.70
HB3 ALA C . 13.98 8.53 3.23
N GLY D . 11.92 7.90 1.92
CA GLY D . 13.27 8.22 1.40
C GLY D . 14.02 6.98 0.98
O GLY D . 15.09 7.06 0.36
OXT GLY D . 13.57 5.86 1.24
H1 GLY D . 11.45 8.67 2.03
H2 GLY D . 11.49 7.38 1.34
H3 GLY D . 11.98 7.49 2.71
HA2 GLY D . 13.20 8.83 0.65
HA3 GLY D . 13.80 8.67 2.10
N ALA E . -11.80 -7.05 -1.50
CA ALA E . -12.88 -7.93 -0.95
C ALA E . -12.28 -9.15 -0.25
O ALA E . -13.00 -9.90 0.42
CB ALA E . -13.80 -8.36 -2.05
OXT ALA E . -11.07 -9.37 -0.29
H1 ALA E . -12.17 -6.30 -1.81
H2 ALA E . -11.23 -6.85 -0.84
H3 ALA E . -11.37 -7.47 -2.15
HA ALA E . -13.40 -7.43 -0.30
HB1 ALA E . -14.49 -8.94 -1.68
HB2 ALA E . -14.20 -7.57 -2.46
HB3 ALA E . -13.29 -8.85 -2.71
N GLY F . -11.91 -7.05 -1.52
CA GLY F . -12.82 -8.07 -0.94
C GLY F . -12.05 -9.09 -0.11
O GLY F . -12.65 -9.84 0.67
OXT GLY F . -10.82 -9.18 -0.21
H1 GLY F . -12.40 -6.38 -1.85
H2 GLY F . -11.37 -6.74 -0.89
H3 GLY F . -11.44 -7.41 -2.17
HA2 GLY F . -13.47 -7.65 -0.36
HA3 GLY F . -13.29 -8.54 -1.64
#